data_4I9C
#
_entry.id   4I9C
#
_cell.length_a   220.791
_cell.length_b   220.791
_cell.length_c   220.791
_cell.angle_alpha   90.00
_cell.angle_beta   90.00
_cell.angle_gamma   90.00
#
_symmetry.space_group_name_H-M   'I 41 3 2'
#
loop_
_entity.id
_entity.type
_entity.pdbx_description
1 polymer 'Response regulator aspartate phosphatase F'
2 polymer PhrF
3 water water
#
loop_
_entity_poly.entity_id
_entity_poly.type
_entity_poly.pdbx_seq_one_letter_code
_entity_poly.pdbx_strand_id
1 'polypeptide(L)'
;MTGVISSSSIGEKINEWYMYIRRFSIPDAEYLRREIKQELDQMEEDQDLHLYYSLMEFRHNLMLEYLEPLEKMRIEEQPR
LSDLLLEIDKKQARLTGLLEYYFNFFRGMYELDQREYLSAIKFFKKAESKLIFVKDRIEKAEFFFKMSESYYYMKQTYFS
MDYARQAYEIYKEHEAYNIRLLQCHSLFATNFLDLKQYEDAISHFQKAYSMAEAEKQPQLMGRTLYNIGLCKNSQSQYED
AIPYFKRAIAVFEESNILPSLPQAYFLITQIHYKLGKIDKAHEYHSKGMAYSQKAGDVIYLSEFEFLKSLYLSGPDEEAI
QGFFDFLESKMLYADLEDFAIDVAKYYHERKNFQKASAYFLKVEQVRQLIQGGVSLYEIEV
;
A
2 'polypeptide(L)' QRGMI C
#
# COMPACT_ATOMS: atom_id res chain seq x y z
N GLY A 3 -6.62 10.98 -40.32
CA GLY A 3 -5.40 11.78 -40.64
C GLY A 3 -5.28 12.98 -39.71
N VAL A 4 -6.36 13.29 -39.00
CA VAL A 4 -6.35 14.35 -38.01
C VAL A 4 -5.32 14.01 -36.98
N ILE A 5 -5.22 12.71 -36.70
CA ILE A 5 -4.35 12.18 -35.68
C ILE A 5 -2.89 12.50 -35.92
N SER A 6 -2.19 12.89 -34.88
CA SER A 6 -0.80 13.24 -35.00
C SER A 6 -0.23 13.12 -33.60
N SER A 7 1.09 13.03 -33.50
CA SER A 7 1.70 12.87 -32.16
C SER A 7 0.96 13.70 -31.11
N SER A 8 0.61 14.94 -31.50
CA SER A 8 -0.16 15.88 -30.69
C SER A 8 -1.61 15.43 -30.43
N SER A 9 -2.24 14.84 -31.45
CA SER A 9 -3.62 14.36 -31.34
C SER A 9 -3.79 13.24 -30.32
N ILE A 10 -2.81 12.34 -30.28
CA ILE A 10 -2.84 11.16 -29.43
C ILE A 10 -2.38 11.54 -28.04
N GLY A 11 -1.45 12.49 -27.96
CA GLY A 11 -0.97 13.01 -26.67
C GLY A 11 -2.09 13.55 -25.79
N GLU A 12 -3.01 14.29 -26.43
CA GLU A 12 -4.20 14.79 -25.77
C GLU A 12 -5.13 13.66 -25.34
N LYS A 13 -5.24 12.66 -26.19
CA LYS A 13 -6.06 11.49 -25.92
C LYS A 13 -5.48 10.75 -24.70
N ILE A 14 -4.16 10.63 -24.65
CA ILE A 14 -3.45 10.01 -23.54
C ILE A 14 -3.69 10.73 -22.22
N ASN A 15 -3.63 12.07 -22.27
CA ASN A 15 -3.86 12.90 -21.11
C ASN A 15 -5.29 12.75 -20.60
N GLU A 16 -6.24 12.71 -21.53
CA GLU A 16 -7.61 12.40 -21.20
C GLU A 16 -7.71 11.05 -20.52
N TRP A 17 -7.00 10.06 -21.08
CA TRP A 17 -6.95 8.72 -20.52
C TRP A 17 -6.46 8.74 -19.09
N TYR A 18 -5.36 9.48 -18.86
CA TYR A 18 -4.80 9.60 -17.51
C TYR A 18 -5.83 10.11 -16.53
N MET A 19 -6.60 11.13 -16.93
CA MET A 19 -7.54 11.77 -16.02
C MET A 19 -8.60 10.80 -15.49
N TYR A 20 -9.03 9.87 -16.33
CA TYR A 20 -9.98 8.85 -15.90
C TYR A 20 -9.37 7.84 -14.95
N ILE A 21 -8.08 7.53 -15.17
CA ILE A 21 -7.35 6.64 -14.27
C ILE A 21 -7.39 7.23 -12.87
N ARG A 22 -7.07 8.52 -12.77
CA ARG A 22 -7.00 9.20 -11.48
C ARG A 22 -8.35 9.23 -10.78
N ARG A 23 -9.40 9.12 -11.59
CA ARG A 23 -10.75 9.12 -11.11
C ARG A 23 -11.22 7.71 -10.77
N PHE A 24 -10.36 6.72 -10.97
CA PHE A 24 -10.67 5.32 -10.71
C PHE A 24 -11.84 4.77 -11.51
N SER A 25 -12.14 5.41 -12.62
CA SER A 25 -13.28 5.00 -13.43
C SER A 25 -12.87 3.99 -14.48
N ILE A 26 -12.89 2.71 -14.12
CA ILE A 26 -12.30 1.67 -15.00
C ILE A 26 -12.83 1.70 -16.44
N PRO A 27 -14.17 1.73 -16.65
CA PRO A 27 -14.68 1.59 -18.01
C PRO A 27 -14.18 2.67 -18.99
N ASP A 28 -14.22 3.92 -18.59
CA ASP A 28 -13.82 4.99 -19.51
C ASP A 28 -12.38 4.80 -19.92
N ALA A 29 -11.56 4.43 -18.93
CA ALA A 29 -10.16 4.22 -19.19
C ALA A 29 -9.98 3.10 -20.20
N GLU A 30 -10.70 2.01 -20.01
CA GLU A 30 -10.51 0.89 -20.88
C GLU A 30 -10.78 1.30 -22.32
N TYR A 31 -11.87 2.02 -22.48
CA TYR A 31 -12.34 2.40 -23.76
C TYR A 31 -11.30 3.29 -24.44
N LEU A 32 -10.83 4.27 -23.70
CA LEU A 32 -9.93 5.22 -24.29
C LEU A 32 -8.65 4.48 -24.66
N ARG A 33 -8.23 3.56 -23.80
CA ARG A 33 -7.02 2.84 -24.03
C ARG A 33 -7.12 2.05 -25.35
N ARG A 34 -8.23 1.35 -25.51
CA ARG A 34 -8.36 0.55 -26.70
C ARG A 34 -8.34 1.45 -27.95
N GLU A 35 -9.08 2.54 -27.91
CA GLU A 35 -9.15 3.39 -29.08
C GLU A 35 -7.76 3.92 -29.44
N ILE A 36 -7.08 4.28 -28.39
CA ILE A 36 -5.81 4.90 -28.50
C ILE A 36 -4.78 3.91 -29.05
N LYS A 37 -4.88 2.65 -28.61
CA LYS A 37 -4.01 1.62 -29.11
C LYS A 37 -4.21 1.48 -30.60
N GLN A 38 -5.45 1.49 -31.05
CA GLN A 38 -5.66 1.34 -32.47
C GLN A 38 -4.98 2.48 -33.23
N GLU A 39 -5.18 3.71 -32.76
CA GLU A 39 -4.62 4.83 -33.51
C GLU A 39 -3.09 4.76 -33.50
N LEU A 40 -2.53 4.29 -32.40
CA LEU A 40 -1.10 4.14 -32.29
C LEU A 40 -0.58 3.14 -33.28
N ASP A 41 -1.29 2.03 -33.40
CA ASP A 41 -0.90 0.98 -34.32
C ASP A 41 -0.84 1.61 -35.67
N GLN A 42 -1.83 2.44 -35.96
CA GLN A 42 -1.86 3.14 -37.24
C GLN A 42 -0.65 3.99 -37.52
N MET A 43 -0.25 4.89 -36.64
CA MET A 43 0.87 5.76 -37.02
C MET A 43 2.11 4.92 -37.26
N GLU A 44 2.40 4.07 -36.29
CA GLU A 44 3.64 3.29 -36.20
C GLU A 44 4.86 4.19 -36.10
N GLU A 45 4.66 5.50 -36.34
CA GLU A 45 5.73 6.46 -36.62
C GLU A 45 6.73 6.81 -35.50
N ASP A 46 6.24 7.10 -34.30
CA ASP A 46 7.04 7.79 -33.31
C ASP A 46 7.19 7.03 -32.01
N GLN A 47 8.44 6.94 -31.58
CA GLN A 47 8.77 6.25 -30.35
C GLN A 47 8.18 6.90 -29.11
N ASP A 48 8.47 8.18 -28.91
CA ASP A 48 8.07 8.83 -27.67
C ASP A 48 6.60 8.75 -27.44
N LEU A 49 5.81 8.94 -28.47
CA LEU A 49 4.41 8.85 -28.25
C LEU A 49 4.14 7.47 -27.69
N HIS A 50 4.82 6.48 -28.27
CA HIS A 50 4.63 5.13 -27.81
C HIS A 50 5.12 4.97 -26.38
N LEU A 51 6.19 5.68 -26.03
CA LEU A 51 6.70 5.61 -24.70
C LEU A 51 5.67 6.14 -23.70
N TYR A 52 5.01 7.24 -24.08
CA TYR A 52 4.02 7.85 -23.25
C TYR A 52 2.92 6.85 -23.09
N TYR A 53 2.55 6.21 -24.17
CA TYR A 53 1.48 5.26 -24.05
C TYR A 53 1.86 4.16 -23.08
N SER A 54 3.10 3.70 -23.16
CA SER A 54 3.50 2.62 -22.34
C SER A 54 3.45 3.03 -20.87
N LEU A 55 3.90 4.23 -20.60
CA LEU A 55 3.88 4.74 -19.23
C LEU A 55 2.46 4.76 -18.72
N MET A 56 1.54 5.24 -19.55
CA MET A 56 0.17 5.29 -19.10
C MET A 56 -0.39 3.90 -18.87
N GLU A 57 -0.04 2.97 -19.75
CA GLU A 57 -0.57 1.63 -19.59
C GLU A 57 -0.09 1.04 -18.31
N PHE A 58 1.13 1.40 -17.96
CA PHE A 58 1.67 0.91 -16.72
C PHE A 58 0.82 1.43 -15.59
N ARG A 59 0.53 2.73 -15.64
CA ARG A 59 -0.29 3.35 -14.62
C ARG A 59 -1.68 2.78 -14.58
N HIS A 60 -2.28 2.63 -15.75
CA HIS A 60 -3.58 2.03 -15.91
C HIS A 60 -3.67 0.70 -15.19
N ASN A 61 -2.65 -0.13 -15.36
CA ASN A 61 -2.61 -1.43 -14.74
C ASN A 61 -2.49 -1.37 -13.24
N LEU A 62 -1.76 -0.36 -12.74
CA LEU A 62 -1.64 -0.16 -11.31
C LEU A 62 -3.02 0.02 -10.72
N MET A 63 -3.88 0.78 -11.42
CA MET A 63 -5.21 1.02 -10.96
C MET A 63 -6.08 -0.24 -10.96
N LEU A 64 -6.03 -0.97 -12.08
CA LEU A 64 -6.80 -2.21 -12.20
C LEU A 64 -6.41 -3.18 -11.10
N GLU A 65 -5.11 -3.38 -10.96
CA GLU A 65 -4.56 -4.17 -9.87
C GLU A 65 -5.09 -3.72 -8.52
N TYR A 66 -5.18 -2.41 -8.28
CA TYR A 66 -5.73 -1.95 -7.03
C TYR A 66 -7.19 -2.27 -6.91
N LEU A 67 -7.99 -1.80 -7.86
CA LEU A 67 -9.45 -1.97 -7.76
C LEU A 67 -9.98 -3.37 -7.94
N GLU A 68 -9.63 -4.03 -9.03
CA GLU A 68 -10.09 -5.38 -9.27
C GLU A 68 -8.84 -6.13 -9.58
N PRO A 69 -7.99 -6.20 -8.58
CA PRO A 69 -6.64 -6.58 -8.78
C PRO A 69 -6.79 -7.97 -9.24
N LEU A 70 -7.68 -8.67 -8.58
CA LEU A 70 -7.49 -10.06 -8.46
C LEU A 70 -7.19 -10.57 -9.83
N GLU A 71 -6.27 -11.50 -9.84
CA GLU A 71 -5.90 -12.14 -11.05
C GLU A 71 -6.12 -13.60 -10.82
N LYS A 72 -7.38 -14.03 -10.73
CA LYS A 72 -7.63 -15.45 -10.65
C LYS A 72 -6.77 -15.71 -11.84
N MET A 73 -5.85 -16.65 -11.73
CA MET A 73 -4.73 -16.66 -12.67
C MET A 73 -4.99 -17.44 -13.93
N ARG A 74 -5.18 -16.72 -15.05
CA ARG A 74 -5.20 -17.41 -16.32
C ARG A 74 -3.85 -18.05 -16.21
N ILE A 75 -3.71 -19.28 -16.69
CA ILE A 75 -2.56 -20.06 -16.34
C ILE A 75 -1.29 -19.26 -16.61
N GLU A 76 -1.21 -18.61 -17.76
CA GLU A 76 -0.03 -17.79 -18.03
C GLU A 76 -0.12 -16.59 -19.01
N GLU A 77 -0.88 -15.56 -18.66
CA GLU A 77 -0.68 -14.25 -19.29
C GLU A 77 -0.65 -13.23 -18.17
N GLN A 78 0.51 -12.61 -17.96
CA GLN A 78 0.72 -11.73 -16.80
C GLN A 78 1.97 -10.87 -16.93
N PRO A 79 1.97 -9.73 -16.24
CA PRO A 79 0.77 -9.03 -15.85
C PRO A 79 0.78 -7.93 -16.87
N ARG A 80 1.96 -7.80 -17.48
CA ARG A 80 2.32 -6.68 -18.30
C ARG A 80 3.00 -5.75 -17.32
N LEU A 81 2.64 -5.94 -16.04
CA LEU A 81 3.26 -5.17 -14.99
C LEU A 81 4.73 -5.45 -14.87
N SER A 82 5.11 -6.72 -14.89
CA SER A 82 6.48 -7.07 -14.63
C SER A 82 7.34 -6.60 -15.77
N ASP A 83 6.90 -6.80 -16.98
CA ASP A 83 7.73 -6.45 -18.14
C ASP A 83 7.58 -4.98 -18.46
N LEU A 84 6.33 -4.52 -18.42
CA LEU A 84 6.04 -3.15 -18.78
C LEU A 84 6.98 -2.36 -17.95
N LEU A 85 7.14 -2.77 -16.71
CA LEU A 85 8.09 -2.10 -15.90
C LEU A 85 9.40 -2.25 -16.66
N LEU A 86 9.60 -3.42 -17.21
CA LEU A 86 10.81 -3.68 -17.93
C LEU A 86 10.99 -2.83 -19.15
N GLU A 87 9.96 -2.72 -19.97
CA GLU A 87 10.13 -1.97 -21.18
C GLU A 87 10.52 -0.54 -20.87
N ILE A 88 9.79 0.06 -19.95
CA ILE A 88 10.03 1.43 -19.65
C ILE A 88 11.39 1.58 -19.07
N ASP A 89 11.76 0.64 -18.20
CA ASP A 89 13.06 0.74 -17.58
C ASP A 89 14.13 0.76 -18.65
N LYS A 90 13.91 -0.05 -19.67
CA LYS A 90 14.83 -0.22 -20.77
C LYS A 90 15.05 1.10 -21.52
N LYS A 91 14.02 1.94 -21.61
CA LYS A 91 14.05 3.15 -22.45
C LYS A 91 14.04 4.45 -21.63
N GLN A 92 14.40 4.39 -20.36
CA GLN A 92 14.23 5.53 -19.46
C GLN A 92 15.10 6.73 -19.79
N ALA A 93 16.17 6.51 -20.55
CA ALA A 93 17.07 7.58 -20.95
C ALA A 93 16.41 8.46 -22.02
N ARG A 94 15.57 7.84 -22.85
CA ARG A 94 14.86 8.48 -23.96
C ARG A 94 14.01 9.67 -23.57
N LEU A 95 13.61 9.75 -22.30
CA LEU A 95 12.53 10.68 -21.84
C LEU A 95 12.99 11.81 -20.92
N THR A 96 12.40 12.99 -21.11
CA THR A 96 12.62 14.19 -20.27
C THR A 96 11.31 14.91 -20.04
N GLY A 97 11.36 16.01 -19.28
CA GLY A 97 10.18 16.85 -19.06
C GLY A 97 9.10 16.09 -18.33
N LEU A 98 7.86 16.29 -18.77
CA LEU A 98 6.72 15.61 -18.15
C LEU A 98 6.88 14.08 -18.11
N LEU A 99 7.46 13.52 -19.17
CA LEU A 99 7.68 12.08 -19.29
C LEU A 99 8.61 11.58 -18.24
N GLU A 100 9.66 12.35 -17.92
CA GLU A 100 10.61 11.96 -16.87
C GLU A 100 9.88 11.94 -15.54
N TYR A 101 9.05 12.96 -15.29
CA TYR A 101 8.24 13.01 -14.09
C TYR A 101 7.38 11.74 -13.93
N TYR A 102 6.60 11.42 -14.95
CA TYR A 102 5.72 10.26 -14.93
C TYR A 102 6.48 8.98 -14.68
N PHE A 103 7.63 8.82 -15.37
CA PHE A 103 8.43 7.62 -15.23
C PHE A 103 8.74 7.42 -13.77
N ASN A 104 9.45 8.38 -13.18
CA ASN A 104 9.81 8.34 -11.76
C ASN A 104 8.63 8.21 -10.79
N PHE A 105 7.60 9.01 -11.02
CA PHE A 105 6.40 8.94 -10.20
C PHE A 105 5.76 7.55 -10.23
N PHE A 106 5.48 7.03 -11.40
CA PHE A 106 4.85 5.73 -11.49
C PHE A 106 5.77 4.59 -11.02
N ARG A 107 7.07 4.74 -11.28
CA ARG A 107 8.02 3.75 -10.80
C ARG A 107 8.07 3.79 -9.28
N GLY A 108 7.99 5.00 -8.73
CA GLY A 108 7.87 5.17 -7.28
C GLY A 108 6.64 4.43 -6.76
N MET A 109 5.50 4.63 -7.43
CA MET A 109 4.24 4.00 -7.06
C MET A 109 4.37 2.50 -7.00
N TYR A 110 5.06 1.91 -7.97
CA TYR A 110 5.24 0.46 -8.04
C TYR A 110 6.13 -0.04 -6.91
N GLU A 111 7.29 0.60 -6.74
CA GLU A 111 8.23 0.25 -5.68
C GLU A 111 7.57 0.38 -4.33
N LEU A 112 6.58 1.26 -4.24
CA LEU A 112 5.83 1.47 -3.01
C LEU A 112 4.98 0.28 -2.68
N ASP A 113 4.31 -0.31 -3.67
CA ASP A 113 3.48 -1.46 -3.34
C ASP A 113 4.23 -2.78 -3.28
N GLN A 114 5.54 -2.71 -3.49
CA GLN A 114 6.41 -3.86 -3.28
C GLN A 114 7.10 -3.73 -1.92
N ARG A 115 6.66 -2.75 -1.15
CA ARG A 115 7.29 -2.44 0.14
C ARG A 115 8.78 -2.14 0.05
N GLU A 116 9.21 -1.76 -1.15
CA GLU A 116 10.56 -1.27 -1.32
C GLU A 116 10.56 0.21 -1.04
N TYR A 117 10.29 0.55 0.22
CA TYR A 117 10.16 1.92 0.68
C TYR A 117 11.38 2.78 0.35
N LEU A 118 12.57 2.21 0.42
CA LEU A 118 13.78 2.97 0.04
C LEU A 118 13.66 3.42 -1.43
N SER A 119 13.62 2.47 -2.35
CA SER A 119 13.41 2.75 -3.76
C SER A 119 12.30 3.74 -4.03
N ALA A 120 11.12 3.46 -3.47
CA ALA A 120 9.94 4.29 -3.66
C ALA A 120 10.26 5.75 -3.38
N ILE A 121 10.91 6.00 -2.25
CA ILE A 121 11.15 7.37 -1.84
C ILE A 121 12.17 8.10 -2.73
N LYS A 122 13.22 7.42 -3.15
CA LYS A 122 14.18 8.01 -4.11
C LYS A 122 13.49 8.39 -5.40
N PHE A 123 12.69 7.46 -5.93
CA PHE A 123 12.04 7.73 -7.17
C PHE A 123 11.18 8.96 -6.99
N PHE A 124 10.52 9.02 -5.85
CA PHE A 124 9.63 10.11 -5.63
C PHE A 124 10.37 11.41 -5.54
N LYS A 125 11.55 11.41 -4.92
CA LYS A 125 12.29 12.63 -4.77
C LYS A 125 12.68 13.10 -6.19
N LYS A 126 13.05 12.15 -7.03
CA LYS A 126 13.46 12.47 -8.35
C LYS A 126 12.29 13.08 -9.07
N ALA A 127 11.11 12.52 -8.88
CA ALA A 127 9.92 13.05 -9.53
C ALA A 127 9.64 14.43 -9.06
N GLU A 128 9.84 14.63 -7.77
CA GLU A 128 9.52 15.87 -7.14
C GLU A 128 10.32 16.95 -7.83
N SER A 129 11.56 16.63 -8.18
CA SER A 129 12.39 17.65 -8.82
C SER A 129 11.81 18.13 -10.13
N LYS A 130 11.29 17.18 -10.92
CA LYS A 130 10.70 17.40 -12.24
C LYS A 130 9.25 17.91 -12.14
N LEU A 131 8.82 18.19 -10.92
CA LEU A 131 7.43 18.55 -10.65
C LEU A 131 7.05 19.88 -11.28
N ILE A 132 8.06 20.65 -11.65
CA ILE A 132 7.84 21.95 -12.32
C ILE A 132 7.24 21.78 -13.71
N PHE A 133 7.47 20.61 -14.33
CA PHE A 133 6.91 20.28 -15.63
C PHE A 133 5.45 19.90 -15.55
N VAL A 134 4.90 19.78 -14.33
CA VAL A 134 3.52 19.38 -14.12
C VAL A 134 2.62 20.59 -14.17
N LYS A 135 1.63 20.53 -15.07
CA LYS A 135 0.76 21.67 -15.31
C LYS A 135 -0.47 21.75 -14.39
N ASP A 136 -1.33 20.73 -14.40
CA ASP A 136 -2.57 20.80 -13.63
C ASP A 136 -2.37 20.59 -12.11
N ARG A 137 -3.34 21.02 -11.31
CA ARG A 137 -3.24 20.95 -9.87
C ARG A 137 -3.59 19.57 -9.31
N ILE A 138 -4.44 18.81 -9.97
CA ILE A 138 -4.73 17.44 -9.52
C ILE A 138 -3.46 16.54 -9.51
N GLU A 139 -2.61 16.66 -10.52
CA GLU A 139 -1.36 15.93 -10.52
C GLU A 139 -0.50 16.22 -9.30
N LYS A 140 -0.47 17.47 -8.86
CA LYS A 140 0.28 17.76 -7.67
C LYS A 140 -0.40 16.99 -6.57
N ALA A 141 -1.72 16.94 -6.64
CA ALA A 141 -2.44 16.29 -5.59
C ALA A 141 -2.07 14.82 -5.50
N GLU A 142 -1.95 14.18 -6.66
CA GLU A 142 -1.65 12.77 -6.67
C GLU A 142 -0.28 12.57 -6.03
N PHE A 143 0.62 13.47 -6.37
CA PHE A 143 1.96 13.36 -5.88
C PHE A 143 1.97 13.52 -4.37
N PHE A 144 1.22 14.49 -3.88
CA PHE A 144 1.21 14.72 -2.45
C PHE A 144 0.67 13.51 -1.78
N PHE A 145 -0.37 12.95 -2.37
CA PHE A 145 -1.00 11.79 -1.78
C PHE A 145 -0.02 10.64 -1.67
N LYS A 146 0.73 10.40 -2.73
CA LYS A 146 1.72 9.33 -2.70
C LYS A 146 2.86 9.57 -1.73
N MET A 147 3.33 10.79 -1.65
CA MET A 147 4.35 11.09 -0.66
C MET A 147 3.79 10.79 0.70
N SER A 148 2.54 11.18 0.94
CA SER A 148 1.97 10.97 2.23
C SER A 148 1.94 9.51 2.53
N GLU A 149 1.51 8.71 1.55
CA GLU A 149 1.37 7.30 1.80
C GLU A 149 2.74 6.73 2.14
N SER A 150 3.75 7.13 1.42
CA SER A 150 5.07 6.53 1.63
C SER A 150 5.58 6.90 2.99
N TYR A 151 5.44 8.16 3.36
CA TYR A 151 5.93 8.57 4.64
C TYR A 151 5.16 7.88 5.74
N TYR A 152 3.88 7.60 5.53
CA TYR A 152 3.16 6.93 6.56
C TYR A 152 3.80 5.57 6.83
N TYR A 153 4.04 4.81 5.77
CA TYR A 153 4.63 3.49 5.97
C TYR A 153 5.95 3.53 6.74
N MET A 154 6.61 4.69 6.68
CA MET A 154 7.89 4.87 7.32
C MET A 154 7.80 5.49 8.69
N LYS A 155 6.56 5.77 9.14
CA LYS A 155 6.29 6.47 10.41
C LYS A 155 6.91 7.87 10.48
N GLN A 156 7.11 8.55 9.35
CA GLN A 156 7.44 9.95 9.34
C GLN A 156 6.12 10.72 9.54
N THR A 157 5.63 10.72 10.78
CA THR A 157 4.28 11.16 11.05
C THR A 157 3.98 12.59 10.63
N TYR A 158 4.85 13.52 11.02
CA TYR A 158 4.63 14.91 10.64
C TYR A 158 4.56 15.10 9.13
N PHE A 159 5.56 14.60 8.41
CA PHE A 159 5.56 14.76 6.96
C PHE A 159 4.41 14.03 6.28
N SER A 160 4.05 12.85 6.76
CA SER A 160 2.92 12.12 6.21
C SER A 160 1.64 12.91 6.31
N MET A 161 1.38 13.40 7.51
CA MET A 161 0.16 14.08 7.85
C MET A 161 0.04 15.39 7.05
N ASP A 162 1.13 16.13 7.02
CA ASP A 162 1.17 17.39 6.31
C ASP A 162 0.97 17.23 4.79
N TYR A 163 1.47 16.15 4.22
CA TYR A 163 1.28 15.88 2.80
C TYR A 163 -0.14 15.44 2.51
N ALA A 164 -0.74 14.68 3.44
CA ALA A 164 -2.16 14.35 3.35
C ALA A 164 -3.00 15.61 3.32
N ARG A 165 -2.74 16.56 4.22
CA ARG A 165 -3.47 17.83 4.22
C ARG A 165 -3.43 18.47 2.81
N GLN A 166 -2.24 18.62 2.26
CA GLN A 166 -2.06 19.26 0.95
C GLN A 166 -2.89 18.61 -0.17
N ALA A 167 -2.81 17.29 -0.26
CA ALA A 167 -3.60 16.52 -1.20
C ALA A 167 -5.07 16.76 -0.96
N TYR A 168 -5.52 16.57 0.29
CA TYR A 168 -6.91 16.79 0.65
C TYR A 168 -7.46 18.10 0.06
N GLU A 169 -6.83 19.23 0.43
CA GLU A 169 -7.21 20.55 -0.07
C GLU A 169 -7.46 20.62 -1.57
N ILE A 170 -6.66 19.90 -2.37
CA ILE A 170 -6.81 19.90 -3.83
C ILE A 170 -7.96 18.98 -4.26
N TYR A 171 -8.05 17.81 -3.61
CA TYR A 171 -9.08 16.83 -3.94
C TYR A 171 -10.47 17.34 -3.62
N LYS A 172 -10.57 18.03 -2.48
CA LYS A 172 -11.86 18.46 -1.98
C LYS A 172 -12.50 19.44 -2.94
N GLU A 173 -11.69 20.34 -3.50
CA GLU A 173 -12.18 21.35 -4.43
C GLU A 173 -12.55 20.77 -5.80
N HIS A 174 -12.45 19.45 -5.93
CA HIS A 174 -12.74 18.76 -7.21
C HIS A 174 -13.84 17.76 -7.12
N GLU A 175 -14.45 17.53 -8.30
CA GLU A 175 -15.75 16.89 -8.43
C GLU A 175 -15.75 15.41 -8.01
N ALA A 176 -14.98 14.59 -8.71
CA ALA A 176 -15.12 13.13 -8.59
C ALA A 176 -13.89 12.39 -8.15
N TYR A 177 -13.33 12.79 -7.02
CA TYR A 177 -12.12 12.16 -6.48
C TYR A 177 -12.40 11.65 -5.06
N ASN A 178 -13.55 11.00 -4.91
CA ASN A 178 -13.98 10.45 -3.63
C ASN A 178 -13.07 9.34 -3.15
N ILE A 179 -12.57 8.52 -4.06
CA ILE A 179 -11.66 7.46 -3.68
C ILE A 179 -10.40 8.05 -2.98
N ARG A 180 -9.81 9.06 -3.59
CA ARG A 180 -8.66 9.73 -2.99
C ARG A 180 -9.00 10.50 -1.70
N LEU A 181 -10.19 11.10 -1.66
CA LEU A 181 -10.64 11.78 -0.45
C LEU A 181 -10.80 10.77 0.69
N LEU A 182 -11.47 9.66 0.37
CA LEU A 182 -11.64 8.53 1.28
C LEU A 182 -10.27 8.11 1.81
N GLN A 183 -9.33 7.95 0.88
CA GLN A 183 -7.98 7.56 1.24
C GLN A 183 -7.25 8.58 2.12
N CYS A 184 -7.46 9.87 1.87
CA CYS A 184 -6.85 10.92 2.70
C CYS A 184 -7.28 10.78 4.16
N HIS A 185 -8.57 10.53 4.35
CA HIS A 185 -9.11 10.25 5.65
C HIS A 185 -8.42 9.08 6.29
N SER A 186 -8.22 8.01 5.50
CA SER A 186 -7.49 6.84 5.97
C SER A 186 -6.09 7.24 6.46
N LEU A 187 -5.43 8.08 5.70
CA LEU A 187 -4.08 8.53 6.04
C LEU A 187 -4.07 9.41 7.29
N PHE A 188 -5.06 10.30 7.38
CA PHE A 188 -5.22 11.14 8.55
C PHE A 188 -5.40 10.26 9.80
N ALA A 189 -6.27 9.25 9.67
CA ALA A 189 -6.57 8.35 10.76
C ALA A 189 -5.36 7.51 11.17
N THR A 190 -4.73 6.85 10.19
CA THR A 190 -3.62 5.98 10.49
C THR A 190 -2.45 6.71 11.15
N ASN A 191 -2.30 7.99 10.81
CA ASN A 191 -1.28 8.81 11.43
C ASN A 191 -1.67 9.20 12.85
N PHE A 192 -2.93 9.61 13.02
CA PHE A 192 -3.45 9.92 14.33
C PHE A 192 -3.23 8.74 15.23
N LEU A 193 -3.47 7.55 14.67
CA LEU A 193 -3.26 6.29 15.37
C LEU A 193 -1.83 6.18 15.84
N ASP A 194 -0.89 6.55 14.99
CA ASP A 194 0.53 6.58 15.35
C ASP A 194 0.84 7.48 16.51
N LEU A 195 0.23 8.65 16.48
CA LEU A 195 0.39 9.68 17.51
C LEU A 195 -0.41 9.36 18.78
N LYS A 196 -1.16 8.26 18.76
CA LYS A 196 -2.05 7.82 19.87
C LYS A 196 -3.36 8.61 19.97
N GLN A 197 -3.55 9.63 19.13
CA GLN A 197 -4.79 10.40 19.08
C GLN A 197 -5.99 9.53 18.60
N TYR A 198 -6.42 8.60 19.44
CA TYR A 198 -7.51 7.65 19.10
C TYR A 198 -8.84 8.32 18.80
N GLU A 199 -9.16 9.37 19.55
CA GLU A 199 -10.38 10.12 19.35
C GLU A 199 -10.45 10.62 17.91
N ASP A 200 -9.41 11.29 17.46
CA ASP A 200 -9.44 11.76 16.08
C ASP A 200 -9.41 10.61 15.08
N ALA A 201 -8.60 9.62 15.41
CA ALA A 201 -8.38 8.52 14.51
C ALA A 201 -9.68 7.86 14.16
N ILE A 202 -10.46 7.56 15.16
CA ILE A 202 -11.73 6.92 14.93
C ILE A 202 -12.60 7.74 14.02
N SER A 203 -12.62 9.03 14.25
CA SER A 203 -13.53 9.82 13.50
C SER A 203 -13.20 9.64 12.03
N HIS A 204 -11.92 9.76 11.74
CA HIS A 204 -11.52 9.70 10.37
C HIS A 204 -11.70 8.36 9.75
N PHE A 205 -11.41 7.33 10.53
CA PHE A 205 -11.52 6.00 10.01
C PHE A 205 -12.93 5.87 9.53
N GLN A 206 -13.83 6.34 10.37
CA GLN A 206 -15.21 6.15 10.09
C GLN A 206 -15.68 6.93 8.89
N LYS A 207 -15.21 8.15 8.70
CA LYS A 207 -15.71 8.90 7.58
C LYS A 207 -15.27 8.15 6.35
N ALA A 208 -14.07 7.62 6.45
CA ALA A 208 -13.49 6.90 5.34
C ALA A 208 -14.35 5.71 5.01
N TYR A 209 -14.72 4.95 6.02
CA TYR A 209 -15.46 3.75 5.76
C TYR A 209 -16.74 4.13 5.08
N SER A 210 -17.35 5.17 5.60
CA SER A 210 -18.66 5.55 5.16
C SER A 210 -18.57 5.86 3.69
N MET A 211 -17.52 6.56 3.29
CA MET A 211 -17.39 6.87 1.87
C MET A 211 -17.19 5.59 1.06
N ALA A 212 -16.46 4.63 1.64
CA ALA A 212 -16.22 3.34 1.03
C ALA A 212 -17.50 2.67 0.56
N GLU A 213 -18.54 2.74 1.38
CA GLU A 213 -19.84 2.17 1.05
C GLU A 213 -20.47 2.91 -0.11
N ALA A 214 -20.39 4.23 -0.11
CA ALA A 214 -20.95 5.04 -1.19
C ALA A 214 -20.30 4.74 -2.51
N GLU A 215 -19.03 4.32 -2.44
CA GLU A 215 -18.26 4.05 -3.62
C GLU A 215 -18.40 2.60 -4.11
N LYS A 216 -18.85 1.70 -3.22
CA LYS A 216 -19.14 0.29 -3.56
C LYS A 216 -17.93 -0.44 -4.18
N GLN A 217 -16.74 -0.11 -3.68
CA GLN A 217 -15.51 -0.70 -4.18
C GLN A 217 -14.92 -1.61 -3.14
N PRO A 218 -14.93 -2.94 -3.41
CA PRO A 218 -14.51 -3.96 -2.45
C PRO A 218 -13.13 -3.72 -1.84
N GLN A 219 -12.16 -3.24 -2.64
CA GLN A 219 -10.83 -2.95 -2.09
C GLN A 219 -10.96 -2.07 -0.83
N LEU A 220 -11.54 -0.91 -1.05
CA LEU A 220 -11.66 0.12 -0.04
C LEU A 220 -12.53 -0.33 1.09
N MET A 221 -13.61 -1.04 0.82
CA MET A 221 -14.41 -1.48 1.95
C MET A 221 -13.59 -2.36 2.85
N GLY A 222 -12.94 -3.32 2.26
CA GLY A 222 -12.22 -4.25 3.09
C GLY A 222 -11.19 -3.47 3.84
N ARG A 223 -10.53 -2.55 3.14
CA ARG A 223 -9.41 -1.87 3.73
C ARG A 223 -9.83 -0.98 4.91
N THR A 224 -10.95 -0.32 4.73
CA THR A 224 -11.47 0.57 5.75
C THR A 224 -11.87 -0.23 6.95
N LEU A 225 -12.54 -1.35 6.74
CA LEU A 225 -12.88 -2.19 7.85
C LEU A 225 -11.63 -2.68 8.56
N TYR A 226 -10.62 -3.07 7.78
CA TYR A 226 -9.45 -3.64 8.37
C TYR A 226 -8.89 -2.58 9.27
N ASN A 227 -8.92 -1.36 8.78
CA ASN A 227 -8.35 -0.25 9.52
C ASN A 227 -9.03 0.03 10.82
N ILE A 228 -10.36 -0.04 10.83
CA ILE A 228 -11.06 0.16 12.06
C ILE A 228 -10.63 -0.91 13.06
N GLY A 229 -10.56 -2.13 12.59
CA GLY A 229 -10.16 -3.20 13.46
C GLY A 229 -8.74 -2.99 13.96
N LEU A 230 -7.86 -2.45 13.10
CA LEU A 230 -6.48 -2.22 13.43
C LEU A 230 -6.40 -1.22 14.54
N CYS A 231 -7.26 -0.22 14.44
CA CYS A 231 -7.34 0.82 15.47
C CYS A 231 -7.78 0.21 16.80
N LYS A 232 -8.76 -0.66 16.76
CA LYS A 232 -9.15 -1.28 18.00
C LYS A 232 -7.96 -2.05 18.54
N ASN A 233 -7.33 -2.81 17.69
CA ASN A 233 -6.31 -3.70 18.18
C ASN A 233 -5.19 -2.90 18.81
N SER A 234 -4.93 -1.75 18.22
CA SER A 234 -3.83 -0.92 18.65
C SER A 234 -4.02 -0.54 20.08
N GLN A 235 -5.28 -0.33 20.43
CA GLN A 235 -5.69 0.04 21.78
C GLN A 235 -5.68 -1.13 22.78
N SER A 236 -5.08 -2.24 22.41
CA SER A 236 -5.10 -3.47 23.17
C SER A 236 -6.48 -4.13 23.39
N GLN A 237 -7.54 -3.52 22.87
CA GLN A 237 -8.89 -4.10 22.99
C GLN A 237 -9.13 -5.09 21.86
N TYR A 238 -8.50 -6.26 22.00
CA TYR A 238 -8.40 -7.28 20.95
C TYR A 238 -9.75 -7.83 20.52
N GLU A 239 -10.50 -8.28 21.52
CA GLU A 239 -11.78 -8.93 21.32
C GLU A 239 -12.68 -8.11 20.38
N ASP A 240 -12.60 -6.79 20.47
CA ASP A 240 -13.45 -5.90 19.67
C ASP A 240 -12.97 -5.77 18.22
N ALA A 241 -11.70 -6.07 18.01
CA ALA A 241 -11.10 -5.97 16.68
C ALA A 241 -11.57 -7.11 15.77
N ILE A 242 -11.69 -8.33 16.33
CA ILE A 242 -12.08 -9.53 15.57
C ILE A 242 -13.23 -9.28 14.57
N PRO A 243 -14.43 -8.87 15.07
CA PRO A 243 -15.56 -8.78 14.11
C PRO A 243 -15.25 -7.85 12.92
N TYR A 244 -14.41 -6.83 13.15
CA TYR A 244 -14.05 -5.85 12.12
C TYR A 244 -13.09 -6.44 11.10
N PHE A 245 -12.18 -7.28 11.59
CA PHE A 245 -11.26 -8.02 10.73
C PHE A 245 -12.02 -9.04 9.88
N LYS A 246 -12.77 -9.92 10.56
CA LYS A 246 -13.58 -10.94 9.91
C LYS A 246 -14.41 -10.37 8.78
N ARG A 247 -15.07 -9.24 9.05
CA ARG A 247 -15.91 -8.56 8.06
C ARG A 247 -15.06 -8.16 6.85
N ALA A 248 -13.93 -7.52 7.13
CA ALA A 248 -12.98 -7.15 6.06
C ALA A 248 -12.57 -8.39 5.20
N ILE A 249 -12.16 -9.48 5.87
CA ILE A 249 -11.82 -10.73 5.20
C ILE A 249 -12.93 -11.15 4.23
N ALA A 250 -14.15 -11.25 4.75
CA ALA A 250 -15.31 -11.60 3.93
C ALA A 250 -15.39 -10.78 2.65
N VAL A 251 -15.19 -9.47 2.74
CA VAL A 251 -15.27 -8.58 1.58
C VAL A 251 -14.16 -8.85 0.57
N PHE A 252 -12.93 -8.99 1.07
CA PHE A 252 -11.75 -9.29 0.27
C PHE A 252 -11.92 -10.64 -0.43
N GLU A 253 -12.38 -11.65 0.31
CA GLU A 253 -12.66 -12.98 -0.27
C GLU A 253 -13.78 -12.94 -1.29
N GLU A 254 -14.92 -12.40 -0.88
CA GLU A 254 -16.08 -12.19 -1.76
C GLU A 254 -15.72 -11.73 -3.17
N SER A 255 -14.88 -10.69 -3.27
CA SER A 255 -14.58 -10.12 -4.59
C SER A 255 -13.18 -10.45 -5.04
N ASN A 256 -12.56 -11.42 -4.39
CA ASN A 256 -11.23 -11.96 -4.78
C ASN A 256 -10.14 -10.90 -4.84
N ILE A 257 -9.90 -10.24 -3.70
CA ILE A 257 -8.86 -9.26 -3.59
C ILE A 257 -7.69 -9.96 -2.88
N LEU A 258 -6.93 -10.71 -3.65
CA LEU A 258 -5.93 -11.61 -3.12
C LEU A 258 -4.74 -10.87 -2.51
N PRO A 259 -4.21 -9.80 -3.15
CA PRO A 259 -3.05 -9.12 -2.57
C PRO A 259 -3.34 -8.56 -1.14
N SER A 260 -4.60 -8.22 -0.86
CA SER A 260 -4.99 -7.75 0.46
C SER A 260 -5.16 -8.85 1.49
N LEU A 261 -5.32 -10.11 1.08
CA LEU A 261 -5.69 -11.13 2.06
C LEU A 261 -4.67 -11.49 3.11
N PRO A 262 -3.43 -11.53 2.74
CA PRO A 262 -2.39 -11.88 3.70
C PRO A 262 -2.41 -10.96 4.93
N GLN A 263 -2.48 -9.67 4.72
CA GLN A 263 -2.41 -8.78 5.87
C GLN A 263 -3.61 -9.06 6.76
N ALA A 264 -4.77 -9.29 6.14
CA ALA A 264 -5.96 -9.48 6.93
C ALA A 264 -5.77 -10.67 7.91
N TYR A 265 -5.35 -11.76 7.28
CA TYR A 265 -5.32 -12.91 8.08
C TYR A 265 -4.32 -12.68 9.20
N PHE A 266 -3.27 -11.95 8.89
CA PHE A 266 -2.24 -11.87 9.86
C PHE A 266 -2.72 -11.26 11.15
N LEU A 267 -3.33 -10.09 11.07
CA LEU A 267 -3.70 -9.55 12.40
C LEU A 267 -4.66 -10.39 13.16
N ILE A 268 -5.68 -10.94 12.48
CA ILE A 268 -6.61 -11.76 13.19
C ILE A 268 -5.94 -12.96 13.89
N THR A 269 -5.03 -13.57 13.16
CA THR A 269 -4.36 -14.73 13.64
C THR A 269 -3.60 -14.37 14.86
N GLN A 270 -2.90 -13.24 14.83
CA GLN A 270 -2.09 -12.94 15.99
C GLN A 270 -3.00 -12.80 17.15
N ILE A 271 -4.13 -12.17 16.92
CA ILE A 271 -5.00 -11.94 18.04
C ILE A 271 -5.37 -13.25 18.73
N HIS A 272 -5.81 -14.26 18.00
CA HIS A 272 -6.32 -15.41 18.75
C HIS A 272 -5.33 -16.06 19.64
N TYR A 273 -4.18 -16.38 19.07
CA TYR A 273 -3.09 -16.91 19.85
C TYR A 273 -2.95 -16.07 21.08
N LYS A 274 -3.05 -14.76 20.87
CA LYS A 274 -2.68 -13.80 21.90
C LYS A 274 -3.51 -14.10 23.08
N LEU A 275 -4.78 -14.35 22.83
CA LEU A 275 -5.74 -14.46 23.90
C LEU A 275 -6.14 -15.93 24.09
N GLY A 276 -5.31 -16.81 23.55
CA GLY A 276 -5.41 -18.19 23.93
C GLY A 276 -6.31 -19.10 23.13
N LYS A 277 -7.13 -18.55 22.25
CA LYS A 277 -8.01 -19.37 21.44
C LYS A 277 -7.22 -20.07 20.32
N ILE A 278 -6.33 -21.00 20.65
CA ILE A 278 -5.43 -21.56 19.66
C ILE A 278 -6.08 -22.22 18.46
N ASP A 279 -7.14 -22.96 18.64
CA ASP A 279 -7.64 -23.72 17.52
C ASP A 279 -7.98 -22.82 16.36
N LYS A 280 -8.69 -21.73 16.62
CA LYS A 280 -8.97 -20.73 15.59
C LYS A 280 -7.67 -20.18 15.02
N ALA A 281 -6.67 -20.03 15.88
CA ALA A 281 -5.37 -19.48 15.51
C ALA A 281 -4.72 -20.24 14.35
N HIS A 282 -4.55 -21.54 14.47
CA HIS A 282 -3.99 -22.36 13.42
C HIS A 282 -4.84 -22.29 12.16
N GLU A 283 -6.16 -22.31 12.34
CA GLU A 283 -7.12 -22.24 11.22
C GLU A 283 -6.91 -20.94 10.41
N TYR A 284 -6.73 -19.83 11.10
CA TYR A 284 -6.43 -18.54 10.47
C TYR A 284 -5.01 -18.51 9.90
N HIS A 285 -4.05 -18.96 10.71
CA HIS A 285 -2.65 -19.06 10.34
C HIS A 285 -2.47 -19.76 9.01
N SER A 286 -2.97 -20.99 8.90
CA SER A 286 -2.88 -21.75 7.66
C SER A 286 -3.46 -21.01 6.46
N LYS A 287 -4.63 -20.42 6.66
CA LYS A 287 -5.30 -19.69 5.61
C LYS A 287 -4.41 -18.52 5.15
N GLY A 288 -3.74 -17.87 6.11
CA GLY A 288 -2.93 -16.69 5.84
C GLY A 288 -1.59 -17.01 5.26
N MET A 289 -0.88 -18.01 5.80
CA MET A 289 0.34 -18.56 5.18
C MET A 289 0.08 -18.95 3.72
N ALA A 290 -0.98 -19.72 3.49
CA ALA A 290 -1.37 -20.13 2.16
C ALA A 290 -1.63 -18.91 1.28
N TYR A 291 -2.34 -17.92 1.81
CA TYR A 291 -2.68 -16.75 1.04
C TYR A 291 -1.43 -15.99 0.64
N SER A 292 -0.46 -15.89 1.56
CA SER A 292 0.74 -15.14 1.27
C SER A 292 1.61 -15.77 0.16
N GLN A 293 1.60 -17.09 0.07
CA GLN A 293 2.17 -17.76 -1.13
C GLN A 293 1.45 -17.44 -2.43
N LYS A 294 0.15 -17.63 -2.43
CA LYS A 294 -0.62 -17.39 -3.61
C LYS A 294 -0.48 -15.98 -4.09
N ALA A 295 -0.34 -15.04 -3.15
CA ALA A 295 -0.20 -13.66 -3.53
C ALA A 295 1.23 -13.28 -3.71
N GLY A 296 2.13 -14.23 -3.47
CA GLY A 296 3.54 -13.97 -3.60
C GLY A 296 3.95 -12.84 -2.67
N ASP A 297 3.40 -12.81 -1.46
CA ASP A 297 3.86 -11.89 -0.44
C ASP A 297 4.90 -12.60 0.39
N VAL A 298 6.13 -12.66 -0.07
CA VAL A 298 7.13 -13.38 0.73
C VAL A 298 7.26 -12.71 2.10
N ILE A 299 7.17 -11.38 2.14
CA ILE A 299 7.34 -10.76 3.41
C ILE A 299 6.28 -11.18 4.43
N TYR A 300 5.03 -11.23 4.02
CA TYR A 300 4.02 -11.61 4.96
C TYR A 300 4.22 -13.04 5.33
N LEU A 301 4.75 -13.81 4.39
CA LEU A 301 4.97 -15.18 4.68
C LEU A 301 5.93 -15.28 5.84
N SER A 302 6.97 -14.48 5.79
CA SER A 302 7.94 -14.51 6.84
C SER A 302 7.33 -14.08 8.16
N GLU A 303 6.46 -13.09 8.11
CA GLU A 303 5.84 -12.61 9.31
C GLU A 303 4.96 -13.67 9.97
N PHE A 304 4.22 -14.39 9.14
CA PHE A 304 3.42 -15.49 9.66
C PHE A 304 4.29 -16.56 10.27
N GLU A 305 5.44 -16.80 9.67
CA GLU A 305 6.33 -17.79 10.17
C GLU A 305 6.80 -17.30 11.53
N PHE A 306 6.99 -15.99 11.63
CA PHE A 306 7.40 -15.39 12.88
C PHE A 306 6.39 -15.73 13.96
N LEU A 307 5.11 -15.66 13.64
CA LEU A 307 4.17 -16.04 14.66
C LEU A 307 4.53 -17.42 15.15
N LYS A 308 4.73 -18.34 14.21
CA LYS A 308 5.03 -19.71 14.53
C LYS A 308 6.22 -19.68 15.44
N SER A 309 7.11 -18.77 15.11
CA SER A 309 8.40 -18.74 15.69
C SER A 309 8.23 -18.46 17.17
N LEU A 310 7.22 -17.68 17.51
CA LEU A 310 7.09 -17.17 18.86
C LEU A 310 6.12 -17.92 19.75
N TYR A 311 4.89 -18.07 19.28
CA TYR A 311 3.89 -18.82 20.04
C TYR A 311 4.18 -20.31 20.20
N LEU A 312 4.57 -20.97 19.12
CA LEU A 312 4.71 -22.42 19.15
C LEU A 312 6.14 -22.65 18.87
N SER A 313 6.74 -23.55 19.63
CA SER A 313 8.18 -23.69 19.50
C SER A 313 8.64 -22.55 20.35
N GLY A 314 7.71 -21.97 21.08
CA GLY A 314 7.99 -20.79 21.83
C GLY A 314 9.18 -21.04 22.71
N PRO A 315 10.13 -20.16 22.63
CA PRO A 315 10.16 -19.16 21.58
C PRO A 315 11.46 -19.34 20.79
N ASP A 316 11.39 -19.30 19.47
CA ASP A 316 12.56 -19.59 18.64
C ASP A 316 13.41 -18.35 18.53
N GLU A 317 14.26 -18.12 19.51
CA GLU A 317 14.95 -16.86 19.59
C GLU A 317 15.80 -16.61 18.33
N GLU A 318 16.53 -17.63 17.89
CA GLU A 318 17.38 -17.42 16.77
C GLU A 318 16.49 -17.03 15.59
N ALA A 319 15.33 -17.66 15.48
CA ALA A 319 14.44 -17.33 14.38
C ALA A 319 13.91 -15.90 14.50
N ILE A 320 13.57 -15.49 15.71
CA ILE A 320 13.09 -14.15 15.91
C ILE A 320 14.21 -13.15 15.57
N GLN A 321 15.43 -13.42 16.02
CA GLN A 321 16.49 -12.50 15.77
C GLN A 321 16.69 -12.34 14.27
N GLY A 322 16.64 -13.46 13.55
CA GLY A 322 16.85 -13.45 12.13
C GLY A 322 15.80 -12.61 11.47
N PHE A 323 14.57 -12.79 11.90
CA PHE A 323 13.46 -12.11 11.32
C PHE A 323 13.60 -10.60 11.53
N PHE A 324 14.05 -10.21 12.73
CA PHE A 324 14.21 -8.83 12.98
C PHE A 324 15.30 -8.24 12.12
N ASP A 325 16.38 -9.00 11.92
CA ASP A 325 17.44 -8.51 11.05
C ASP A 325 16.91 -8.33 9.67
N PHE A 326 16.04 -9.22 9.24
CA PHE A 326 15.51 -9.10 7.91
C PHE A 326 14.75 -7.81 7.78
N LEU A 327 13.86 -7.56 8.74
CA LEU A 327 13.00 -6.38 8.67
C LEU A 327 13.84 -5.13 8.68
N GLU A 328 14.88 -5.14 9.52
CA GLU A 328 15.76 -4.01 9.66
C GLU A 328 16.49 -3.69 8.37
N SER A 329 17.04 -4.73 7.74
CA SER A 329 17.76 -4.57 6.51
C SER A 329 16.84 -4.17 5.37
N LYS A 330 15.54 -4.35 5.55
CA LYS A 330 14.55 -3.96 4.55
C LYS A 330 13.85 -2.62 4.90
N MET A 331 14.45 -1.87 5.84
CA MET A 331 13.96 -0.57 6.29
C MET A 331 12.59 -0.63 6.94
N LEU A 332 12.12 -1.83 7.26
CA LEU A 332 10.75 -2.02 7.70
C LEU A 332 10.62 -1.76 9.19
N TYR A 333 10.99 -0.53 9.58
CA TYR A 333 11.18 -0.17 11.00
C TYR A 333 9.90 -0.17 11.83
N ALA A 334 8.79 0.24 11.23
CA ALA A 334 7.52 0.29 11.93
C ALA A 334 7.07 -1.11 12.37
N ASP A 335 7.00 -2.06 11.44
CA ASP A 335 6.66 -3.43 11.82
C ASP A 335 7.69 -3.94 12.83
N LEU A 336 8.94 -3.61 12.62
CA LEU A 336 9.98 -4.04 13.53
C LEU A 336 9.68 -3.60 14.95
N GLU A 337 9.35 -2.32 15.11
CA GLU A 337 8.97 -1.76 16.44
C GLU A 337 7.78 -2.47 17.10
N ASP A 338 6.72 -2.70 16.34
CA ASP A 338 5.57 -3.36 16.88
C ASP A 338 5.99 -4.72 17.31
N PHE A 339 6.71 -5.41 16.46
CA PHE A 339 6.98 -6.80 16.77
C PHE A 339 7.92 -6.89 17.93
N ALA A 340 8.86 -5.97 18.00
CA ALA A 340 9.80 -6.04 19.09
C ALA A 340 8.99 -5.92 20.38
N ILE A 341 7.98 -5.05 20.36
CA ILE A 341 7.15 -4.85 21.52
C ILE A 341 6.41 -6.11 21.87
N ASP A 342 5.79 -6.74 20.88
CA ASP A 342 5.02 -7.91 21.20
C ASP A 342 5.98 -8.86 21.86
N VAL A 343 7.17 -8.99 21.30
CA VAL A 343 8.03 -10.00 21.80
C VAL A 343 8.40 -9.70 23.22
N ALA A 344 8.77 -8.47 23.49
CA ALA A 344 9.17 -8.14 24.87
C ALA A 344 8.03 -8.40 25.85
N LYS A 345 6.83 -8.00 25.50
CA LYS A 345 5.73 -8.20 26.38
C LYS A 345 5.57 -9.68 26.61
N TYR A 346 5.66 -10.45 25.54
CA TYR A 346 5.39 -11.86 25.64
C TYR A 346 6.37 -12.52 26.59
N TYR A 347 7.64 -12.13 26.49
CA TYR A 347 8.65 -12.64 27.39
C TYR A 347 8.43 -12.19 28.83
N HIS A 348 7.75 -11.04 29.00
CA HIS A 348 7.49 -10.49 30.32
C HIS A 348 6.41 -11.25 31.04
N GLU A 349 5.28 -11.53 30.40
CA GLU A 349 4.21 -12.30 31.03
C GLU A 349 4.66 -13.72 31.37
N ARG A 350 5.54 -14.27 30.53
CA ARG A 350 6.27 -15.49 30.86
C ARG A 350 7.34 -15.09 31.88
N LYS A 351 7.99 -16.06 32.50
CA LYS A 351 8.77 -15.82 33.73
C LYS A 351 9.84 -14.70 33.64
N ASN A 352 10.59 -14.73 32.56
CA ASN A 352 11.94 -14.18 32.56
C ASN A 352 12.12 -12.87 31.84
N PHE A 353 12.81 -12.00 32.55
CA PHE A 353 13.05 -10.64 32.10
C PHE A 353 14.36 -10.41 31.41
N GLN A 354 15.25 -11.38 31.33
CA GLN A 354 16.51 -11.07 30.65
C GLN A 354 16.09 -10.67 29.25
N LYS A 355 15.30 -11.55 28.66
CA LYS A 355 14.95 -11.39 27.29
C LYS A 355 14.05 -10.19 27.06
N ALA A 356 13.08 -9.99 27.94
CA ALA A 356 12.13 -8.90 27.74
C ALA A 356 12.85 -7.58 27.83
N SER A 357 13.73 -7.45 28.80
CA SER A 357 14.43 -6.21 28.91
C SER A 357 15.21 -6.00 27.59
N ALA A 358 15.86 -7.04 27.12
CA ALA A 358 16.67 -6.82 25.96
C ALA A 358 15.81 -6.35 24.81
N TYR A 359 14.64 -6.94 24.66
CA TYR A 359 13.77 -6.53 23.59
C TYR A 359 13.20 -5.12 23.75
N PHE A 360 12.90 -4.69 24.99
CA PHE A 360 12.46 -3.32 25.21
C PHE A 360 13.57 -2.38 24.86
N LEU A 361 14.78 -2.77 25.20
CA LEU A 361 15.89 -1.95 24.87
C LEU A 361 15.98 -1.80 23.35
N LYS A 362 15.73 -2.91 22.64
CA LYS A 362 15.72 -2.86 21.20
C LYS A 362 14.70 -1.91 20.70
N VAL A 363 13.57 -1.78 21.37
CA VAL A 363 12.61 -0.83 20.81
C VAL A 363 13.13 0.62 20.75
N GLU A 364 13.74 1.09 21.83
CA GLU A 364 14.16 2.45 21.88
C GLU A 364 15.19 2.70 20.81
N GLN A 365 16.04 1.69 20.63
CA GLN A 365 17.07 1.78 19.61
C GLN A 365 16.36 2.01 18.30
N VAL A 366 15.35 1.21 18.09
CA VAL A 366 14.76 1.31 16.81
C VAL A 366 14.13 2.66 16.59
N ARG A 367 13.51 3.26 17.59
CA ARG A 367 12.98 4.61 17.35
C ARG A 367 14.02 5.64 16.97
N GLN A 368 15.13 5.64 17.69
CA GLN A 368 16.15 6.60 17.32
C GLN A 368 16.59 6.40 15.90
N LEU A 369 16.79 5.14 15.54
CA LEU A 369 17.28 4.84 14.23
C LEU A 369 16.24 5.17 13.18
N ILE A 370 14.99 4.90 13.51
CA ILE A 370 13.84 5.02 12.65
C ILE A 370 13.84 6.45 12.16
N GLN A 371 14.51 7.31 12.90
CA GLN A 371 14.62 8.70 12.52
C GLN A 371 15.26 8.90 11.12
N GLY A 372 16.36 8.19 10.85
CA GLY A 372 17.15 8.40 9.62
C GLY A 372 16.47 7.99 8.32
N GLY A 373 16.53 8.85 7.29
CA GLY A 373 15.78 8.62 6.05
C GLY A 373 15.97 9.76 5.05
N VAL A 374 14.99 9.98 4.17
CA VAL A 374 14.95 11.13 3.26
C VAL A 374 16.31 11.80 2.99
N GLN B 1 2.12 -3.40 12.41
CA GLN B 1 1.31 -3.49 11.13
C GLN B 1 0.78 -2.12 10.73
N ARG B 2 0.92 -1.76 9.46
CA ARG B 2 0.50 -0.42 9.00
C ARG B 2 -0.88 -0.49 8.37
N GLY B 3 -1.53 0.65 8.27
CA GLY B 3 -2.91 0.65 7.81
C GLY B 3 -2.99 0.36 6.33
N MET B 4 -4.17 -0.05 5.88
CA MET B 4 -4.37 -0.31 4.48
C MET B 4 -4.95 0.90 3.73
N ILE B 5 -4.04 1.70 3.15
CA ILE B 5 -4.43 2.89 2.44
C ILE B 5 -5.11 2.62 1.10
#